data_5K1Q
#
_entry.id   5K1Q
#
_cell.length_a   52.260
_cell.length_b   54.790
_cell.length_c   103.670
_cell.angle_alpha   90.00
_cell.angle_beta   90.00
_cell.angle_gamma   90.00
#
_symmetry.space_group_name_H-M   'P 21 21 21'
#
loop_
_entity.id
_entity.type
_entity.pdbx_description
1 polymer 'NAD(P)H:flavin oxidoreductase Sye4'
2 non-polymer 'FLAVIN MONONUCLEOTIDE'
3 non-polymer P-CRESOL
4 water water
#
_entity_poly.entity_id   1
_entity_poly.type   'polypeptide(L)'
_entity_poly.pdbx_seq_one_letter_code
;MTIENTVNSVENLFDTYKLNDTITLKNRILMAPLTRCMADANLVPTDDMVAYYARRAEAGLIISEATIIRPDAQGYPNTP
GIFTQAQIAGWRKVTDAVHANGGKIFVQLWHTGRVAHPHFFGGGDVLAPSAQKIEGSVPRMRELTYVTPKAVTVEDIQGL
VRDYAKAAENVIEAGFDGVEIHGANGYLIDQFLHHDSNRRTDEYGGTPVNMSRFALEVVDAIIARIGHDRTGLRISPGAY
FNMASDSRDRVVFDYLLPELEKRDLAFVHIGIFDDSIEFDYLGGTASSYVRAHYGKTLVGVGSYSAETASKAIAEDKFDL
IAIGRPFIANPDYVAKVRNSEELVAYSDEMLASLI
;
_entity_poly.pdbx_strand_id   A
#
# COMPACT_ATOMS: atom_id res chain seq x y z
N SER A 9 9.32 -4.47 -27.63
CA SER A 9 8.06 -3.75 -27.67
C SER A 9 7.24 -4.00 -26.41
N VAL A 10 6.59 -2.95 -25.93
CA VAL A 10 5.83 -3.03 -24.69
C VAL A 10 4.42 -2.54 -24.93
N GLU A 11 3.89 -2.87 -26.10
CA GLU A 11 2.56 -2.43 -26.49
C GLU A 11 1.47 -2.86 -25.50
N ASN A 12 1.63 -4.04 -24.91
CA ASN A 12 0.59 -4.55 -24.04
C ASN A 12 0.42 -3.72 -22.77
N LEU A 13 1.44 -2.93 -22.43
CA LEU A 13 1.32 -2.02 -21.28
C LEU A 13 0.26 -0.94 -21.51
N PHE A 14 -0.09 -0.70 -22.77
CA PHE A 14 -1.04 0.35 -23.10
C PHE A 14 -2.43 -0.20 -23.44
N ASP A 15 -2.62 -1.51 -23.22
CA ASP A 15 -3.95 -2.11 -23.24
C ASP A 15 -4.86 -1.44 -22.21
N THR A 16 -6.08 -1.12 -22.60
CA THR A 16 -7.13 -0.80 -21.67
C THR A 16 -7.34 -2.03 -20.77
N TYR A 17 -7.56 -1.80 -19.48
CA TYR A 17 -7.79 -2.92 -18.57
C TYR A 17 -9.03 -2.65 -17.73
N LYS A 18 -10.06 -3.45 -17.94
CA LYS A 18 -11.26 -3.37 -17.12
C LYS A 18 -11.05 -4.08 -15.79
N LEU A 19 -10.95 -3.29 -14.72
CA LEU A 19 -10.81 -3.88 -13.39
C LEU A 19 -12.09 -4.58 -13.02
N ASN A 20 -13.19 -3.95 -13.39
CA ASN A 20 -14.50 -4.44 -13.00
C ASN A 20 -15.57 -3.55 -13.61
N ASP A 21 -16.82 -3.73 -13.22
CA ASP A 21 -17.90 -3.00 -13.85
C ASP A 21 -17.86 -1.51 -13.53
N THR A 22 -17.14 -1.13 -12.48
CA THR A 22 -17.13 0.25 -12.04
C THR A 22 -15.96 1.02 -12.65
N ILE A 23 -14.81 0.34 -12.78
CA ILE A 23 -13.57 1.03 -13.16
C ILE A 23 -12.85 0.35 -14.32
N THR A 24 -12.52 1.15 -15.32
CA THR A 24 -11.66 0.73 -16.41
C THR A 24 -10.46 1.64 -16.44
N LEU A 25 -9.27 1.04 -16.55
CA LEU A 25 -8.03 1.79 -16.58
C LEU A 25 -7.59 1.95 -18.02
N LYS A 26 -7.04 3.11 -18.35
CA LYS A 26 -6.64 3.41 -19.71
CA LYS A 26 -6.64 3.41 -19.71
C LYS A 26 -5.36 2.69 -20.13
N ASN A 27 -4.59 2.22 -19.16
CA ASN A 27 -3.42 1.39 -19.42
C ASN A 27 -3.09 0.54 -18.20
N ARG A 28 -2.09 -0.33 -18.33
CA ARG A 28 -1.75 -1.28 -17.29
C ARG A 28 -0.73 -0.74 -16.28
N ILE A 29 -0.33 0.51 -16.43
CA ILE A 29 0.73 1.05 -15.59
C ILE A 29 0.16 1.75 -14.35
N LEU A 30 0.54 1.27 -13.18
CA LEU A 30 0.19 1.95 -11.94
C LEU A 30 1.37 2.74 -11.42
N MET A 31 1.11 3.89 -10.80
CA MET A 31 2.12 4.52 -9.97
C MET A 31 2.06 3.84 -8.60
N ALA A 32 3.15 3.17 -8.22
CA ALA A 32 3.23 2.51 -6.91
C ALA A 32 3.10 3.54 -5.79
N PRO A 33 2.59 3.09 -4.63
CA PRO A 33 2.50 4.01 -3.48
C PRO A 33 3.92 4.37 -3.00
N LEU A 34 4.18 5.65 -2.77
CA LEU A 34 5.50 6.12 -2.42
C LEU A 34 5.41 7.23 -1.38
N THR A 35 5.75 6.88 -0.14
CA THR A 35 5.85 7.81 0.97
C THR A 35 6.90 8.86 0.67
N ARG A 36 6.50 10.13 0.80
CA ARG A 36 7.38 11.25 0.51
C ARG A 36 7.63 12.18 1.71
N CYS A 37 6.77 12.11 2.73
CA CYS A 37 6.92 12.90 3.94
C CYS A 37 6.94 14.40 3.67
N MET A 38 6.05 14.83 2.79
CA MET A 38 6.00 16.23 2.35
C MET A 38 4.66 16.91 2.61
N ALA A 39 3.80 16.29 3.42
CA ALA A 39 2.57 16.94 3.82
C ALA A 39 2.86 18.08 4.79
N ASP A 40 1.87 18.94 5.02
CA ASP A 40 2.03 19.99 6.03
C ASP A 40 2.08 19.33 7.40
N ALA A 41 2.42 20.08 8.44
CA ALA A 41 2.60 19.49 9.77
C ALA A 41 1.31 19.00 10.40
N ASN A 42 0.17 19.47 9.90
CA ASN A 42 -1.11 18.94 10.33
C ASN A 42 -1.57 17.79 9.41
N LEU A 43 -0.64 17.32 8.57
CA LEU A 43 -0.81 16.09 7.76
C LEU A 43 -1.84 16.27 6.65
N VAL A 44 -2.07 17.54 6.29
CA VAL A 44 -2.92 17.91 5.19
C VAL A 44 -2.09 17.93 3.89
N PRO A 45 -2.60 17.33 2.82
CA PRO A 45 -1.91 17.39 1.52
C PRO A 45 -1.72 18.84 1.05
N THR A 46 -0.55 19.12 0.51
CA THR A 46 -0.17 20.46 0.07
C THR A 46 -0.48 20.68 -1.40
N ASP A 47 -0.44 21.93 -1.82
CA ASP A 47 -0.63 22.22 -3.23
C ASP A 47 0.54 21.73 -4.07
N ASP A 48 1.72 21.56 -3.47
CA ASP A 48 2.82 20.92 -4.18
C ASP A 48 2.54 19.43 -4.42
N MET A 49 1.92 18.77 -3.44
CA MET A 49 1.48 17.38 -3.64
C MET A 49 0.42 17.29 -4.73
N VAL A 50 -0.48 18.27 -4.79
CA VAL A 50 -1.47 18.31 -5.86
C VAL A 50 -0.79 18.28 -7.23
N ALA A 51 0.21 19.15 -7.41
CA ALA A 51 0.97 19.20 -8.65
C ALA A 51 1.74 17.92 -8.97
N TYR A 52 2.35 17.35 -7.95
CA TYR A 52 3.12 16.11 -8.06
C TYR A 52 2.27 14.97 -8.59
N TYR A 53 1.11 14.77 -8.00
CA TYR A 53 0.23 13.68 -8.46
C TYR A 53 -0.39 14.02 -9.82
N ALA A 54 -0.78 15.27 -10.03
CA ALA A 54 -1.44 15.65 -11.28
C ALA A 54 -0.54 15.37 -12.48
N ARG A 55 0.75 15.58 -12.34
CA ARG A 55 1.63 15.39 -13.49
C ARG A 55 1.90 13.91 -13.79
N ARG A 56 1.37 13.02 -12.98
CA ARG A 56 1.53 11.59 -13.20
C ARG A 56 0.23 10.92 -13.61
N ALA A 57 -0.74 11.74 -14.01
CA ALA A 57 -2.08 11.27 -14.35
C ALA A 57 -2.16 10.48 -15.67
N GLU A 58 -1.06 10.32 -16.40
CA GLU A 58 -1.08 9.42 -17.54
C GLU A 58 -0.99 7.97 -17.08
N ALA A 59 -0.65 7.75 -15.82
CA ALA A 59 -0.71 6.39 -15.28
C ALA A 59 -2.14 5.89 -15.39
N GLY A 60 -2.31 4.61 -15.68
CA GLY A 60 -3.66 4.05 -15.67
C GLY A 60 -4.31 4.21 -14.30
N LEU A 61 -3.52 4.08 -13.23
CA LEU A 61 -4.02 4.29 -11.88
C LEU A 61 -2.87 4.72 -10.98
N ILE A 62 -3.08 5.78 -10.22
CA ILE A 62 -2.15 6.18 -9.19
C ILE A 62 -2.56 5.57 -7.87
N ILE A 63 -1.63 4.94 -7.17
CA ILE A 63 -1.82 4.61 -5.76
C ILE A 63 -1.08 5.68 -4.97
N SER A 64 -1.80 6.40 -4.12
CA SER A 64 -1.17 7.43 -3.33
C SER A 64 -0.15 6.85 -2.36
N GLU A 65 0.73 7.73 -1.90
CA GLU A 65 1.52 7.47 -0.72
C GLU A 65 0.65 6.94 0.42
N ALA A 66 1.24 6.11 1.25
CA ALA A 66 0.57 5.60 2.44
C ALA A 66 0.00 6.77 3.25
N THR A 67 -1.28 6.67 3.61
CA THR A 67 -2.03 7.77 4.20
C THR A 67 -2.67 7.28 5.51
N ILE A 68 -2.35 7.95 6.62
CA ILE A 68 -2.71 7.37 7.92
C ILE A 68 -4.18 7.54 8.27
N ILE A 69 -4.71 6.54 8.96
CA ILE A 69 -6.12 6.57 9.32
C ILE A 69 -6.48 7.29 10.63
N ARG A 70 -5.49 7.52 11.49
CA ARG A 70 -5.72 8.20 12.76
C ARG A 70 -4.36 8.50 13.36
N PRO A 71 -4.31 9.31 14.42
CA PRO A 71 -2.99 9.79 14.88
C PRO A 71 -2.00 8.71 15.29
N ASP A 72 -2.43 7.65 15.97
CA ASP A 72 -1.47 6.66 16.46
C ASP A 72 -1.00 5.71 15.38
N ALA A 73 -1.40 5.98 14.14
CA ALA A 73 -0.89 5.31 12.95
C ALA A 73 0.44 5.86 12.46
N GLN A 74 0.85 7.04 12.95
CA GLN A 74 1.99 7.75 12.35
C GLN A 74 3.35 7.24 12.80
N GLY A 75 4.21 6.92 11.85
CA GLY A 75 5.55 6.46 12.14
C GLY A 75 6.65 7.25 11.45
N TYR A 76 6.29 8.18 10.58
CA TYR A 76 7.27 8.95 9.80
C TYR A 76 6.76 10.39 9.73
N PRO A 77 7.67 11.36 9.56
CA PRO A 77 7.24 12.77 9.63
C PRO A 77 6.39 13.19 8.44
N ASN A 78 5.38 14.01 8.69
CA ASN A 78 4.64 14.68 7.63
C ASN A 78 4.05 13.74 6.58
N THR A 79 3.61 12.57 7.03
CA THR A 79 2.87 11.68 6.17
C THR A 79 1.39 12.08 6.25
N PRO A 80 0.72 12.24 5.10
CA PRO A 80 -0.66 12.75 5.14
C PRO A 80 -1.65 11.80 5.81
N GLY A 81 -2.69 12.40 6.37
CA GLY A 81 -3.79 11.65 6.97
C GLY A 81 -5.06 11.82 6.16
N ILE A 82 -6.10 11.10 6.57
CA ILE A 82 -7.41 11.28 5.94
C ILE A 82 -8.51 11.08 7.01
N PHE A 83 -8.23 11.62 8.18
CA PHE A 83 -9.17 11.55 9.30
C PHE A 83 -9.74 12.91 9.73
N THR A 84 -9.16 14.02 9.28
CA THR A 84 -9.78 15.33 9.56
C THR A 84 -10.45 15.92 8.32
N GLN A 85 -11.37 16.87 8.56
CA GLN A 85 -11.99 17.57 7.44
C GLN A 85 -10.96 18.33 6.58
N ALA A 86 -9.95 18.91 7.22
CA ALA A 86 -8.95 19.66 6.47
C ALA A 86 -8.15 18.71 5.57
N GLN A 87 -7.86 17.52 6.07
CA GLN A 87 -7.14 16.52 5.28
C GLN A 87 -7.97 16.08 4.09
N ILE A 88 -9.26 15.84 4.33
CA ILE A 88 -10.19 15.48 3.27
C ILE A 88 -10.20 16.56 2.20
N ALA A 89 -10.26 17.83 2.62
CA ALA A 89 -10.30 18.95 1.66
C ALA A 89 -9.00 19.05 0.84
N GLY A 90 -7.87 18.84 1.49
CA GLY A 90 -6.60 18.80 0.81
C GLY A 90 -6.53 17.67 -0.21
N TRP A 91 -6.94 16.47 0.19
CA TRP A 91 -6.99 15.39 -0.78
C TRP A 91 -7.94 15.66 -1.94
N ARG A 92 -9.06 16.34 -1.68
CA ARG A 92 -10.01 16.60 -2.76
C ARG A 92 -9.34 17.48 -3.83
N LYS A 93 -8.45 18.37 -3.43
CA LYS A 93 -7.68 19.15 -4.41
C LYS A 93 -6.80 18.24 -5.26
N VAL A 94 -6.18 17.27 -4.62
CA VAL A 94 -5.34 16.30 -5.34
C VAL A 94 -6.17 15.48 -6.33
N THR A 95 -7.25 14.85 -5.86
CA THR A 95 -8.02 13.98 -6.72
C THR A 95 -8.71 14.76 -7.84
N ASP A 96 -9.20 15.96 -7.54
CA ASP A 96 -9.79 16.80 -8.59
C ASP A 96 -8.78 17.07 -9.70
N ALA A 97 -7.54 17.37 -9.33
CA ALA A 97 -6.51 17.71 -10.31
C ALA A 97 -6.12 16.47 -11.13
N VAL A 98 -6.04 15.32 -10.49
CA VAL A 98 -5.77 14.08 -11.20
C VAL A 98 -6.88 13.78 -12.21
N HIS A 99 -8.13 13.90 -11.75
CA HIS A 99 -9.27 13.63 -12.60
C HIS A 99 -9.36 14.61 -13.76
N ALA A 100 -9.05 15.86 -13.47
CA ALA A 100 -9.09 16.92 -14.50
C ALA A 100 -8.09 16.61 -15.60
N ASN A 101 -7.00 15.92 -15.25
CA ASN A 101 -6.01 15.45 -16.21
C ASN A 101 -6.30 14.09 -16.84
N GLY A 102 -7.48 13.53 -16.59
CA GLY A 102 -7.86 12.26 -17.18
C GLY A 102 -7.31 11.05 -16.44
N GLY A 103 -6.88 11.23 -15.19
CA GLY A 103 -6.32 10.14 -14.43
C GLY A 103 -7.30 9.54 -13.44
N LYS A 104 -6.82 8.51 -12.75
CA LYS A 104 -7.54 7.87 -11.67
CA LYS A 104 -7.55 7.85 -11.67
C LYS A 104 -6.59 7.65 -10.49
N ILE A 105 -7.14 7.64 -9.29
CA ILE A 105 -6.30 7.56 -8.10
C ILE A 105 -7.03 6.88 -6.94
N PHE A 106 -6.31 5.93 -6.34
CA PHE A 106 -6.72 5.28 -5.09
C PHE A 106 -5.83 5.80 -3.96
N VAL A 107 -6.39 5.94 -2.77
CA VAL A 107 -5.61 6.28 -1.60
C VAL A 107 -5.17 5.00 -0.93
N GLN A 108 -3.93 4.96 -0.44
CA GLN A 108 -3.46 3.80 0.28
C GLN A 108 -3.66 4.05 1.79
N LEU A 109 -4.52 3.25 2.43
CA LEU A 109 -4.86 3.50 3.83
C LEU A 109 -3.93 2.73 4.77
N TRP A 110 -3.33 3.47 5.72
CA TRP A 110 -2.20 2.99 6.51
C TRP A 110 -2.44 3.06 8.00
N HIS A 111 -1.95 2.03 8.69
CA HIS A 111 -1.67 2.13 10.11
C HIS A 111 -0.35 1.40 10.29
N THR A 112 0.62 2.02 10.94
CA THR A 112 1.97 1.45 11.00
C THR A 112 2.19 0.44 12.13
N GLY A 113 1.23 0.36 13.03
CA GLY A 113 1.28 -0.62 14.10
C GLY A 113 2.51 -0.39 14.96
N ARG A 114 3.31 -1.45 15.12
CA ARG A 114 4.48 -1.37 15.99
C ARG A 114 5.59 -0.50 15.41
N VAL A 115 5.41 -0.04 14.17
CA VAL A 115 6.39 0.82 13.51
C VAL A 115 6.00 2.30 13.65
N ALA A 116 4.94 2.56 14.42
CA ALA A 116 4.57 3.94 14.76
C ALA A 116 5.57 4.49 15.76
N HIS A 117 5.56 5.79 15.97
CA HIS A 117 6.42 6.36 16.99
C HIS A 117 5.69 7.47 17.76
N PRO A 118 5.69 7.38 19.10
CA PRO A 118 4.90 8.28 19.95
CA PRO A 118 4.89 8.27 19.95
C PRO A 118 5.29 9.76 19.87
N HIS A 119 6.49 10.05 19.42
CA HIS A 119 6.89 11.42 19.11
C HIS A 119 5.85 12.14 18.25
N PHE A 120 5.24 11.39 17.33
CA PHE A 120 4.28 11.98 16.40
C PHE A 120 2.88 12.18 16.96
N PHE A 121 2.53 11.52 18.06
CA PHE A 121 1.17 11.64 18.56
C PHE A 121 1.15 11.78 20.08
N GLY A 122 2.00 12.67 20.60
CA GLY A 122 1.90 13.11 21.98
C GLY A 122 2.20 12.07 23.03
N GLY A 123 3.03 11.10 22.70
CA GLY A 123 3.49 10.13 23.67
C GLY A 123 2.54 9.00 23.99
N GLY A 124 1.49 8.83 23.19
CA GLY A 124 0.57 7.73 23.39
C GLY A 124 1.16 6.34 23.11
N ASP A 125 0.34 5.32 23.29
CA ASP A 125 0.74 3.94 23.11
C ASP A 125 0.90 3.58 21.65
N VAL A 126 1.99 2.88 21.35
CA VAL A 126 2.14 2.23 20.06
C VAL A 126 1.36 0.94 20.13
N LEU A 127 0.60 0.62 19.08
CA LEU A 127 -0.28 -0.54 19.09
C LEU A 127 0.16 -1.62 18.09
N ALA A 128 0.02 -2.88 18.46
CA ALA A 128 0.39 -4.00 17.60
C ALA A 128 -0.29 -5.28 18.07
N PRO A 129 -0.23 -6.36 17.26
CA PRO A 129 -0.85 -7.60 17.75
C PRO A 129 -0.23 -8.10 19.05
N SER A 130 1.08 -7.88 19.22
CA SER A 130 1.80 -8.39 20.39
C SER A 130 2.88 -7.41 20.82
N ALA A 131 3.33 -7.54 22.06
CA ALA A 131 4.32 -6.64 22.61
C ALA A 131 5.73 -7.05 22.16
N GLN A 132 5.95 -6.93 20.86
CA GLN A 132 7.19 -7.33 20.23
C GLN A 132 7.78 -6.12 19.54
N LYS A 133 8.83 -5.55 20.13
CA LYS A 133 9.45 -4.34 19.62
C LYS A 133 10.33 -4.62 18.39
N ILE A 134 10.33 -3.72 17.43
CA ILE A 134 11.29 -3.87 16.33
C ILE A 134 12.60 -3.20 16.71
N GLU A 135 13.66 -3.55 15.98
CA GLU A 135 14.99 -2.96 16.25
C GLU A 135 15.08 -1.57 15.69
N GLY A 136 15.82 -0.69 16.37
CA GLY A 136 16.27 0.55 15.75
C GLY A 136 15.48 1.80 16.06
N SER A 137 15.50 2.72 15.09
CA SER A 137 14.91 4.04 15.22
CA SER A 137 14.89 4.04 15.23
C SER A 137 14.32 4.50 13.88
N VAL A 138 13.49 5.55 13.91
CA VAL A 138 12.85 6.03 12.70
C VAL A 138 13.89 6.58 11.74
N PRO A 139 13.82 6.19 10.46
CA PRO A 139 14.78 6.73 9.47
C PRO A 139 14.74 8.24 9.32
N ARG A 140 15.94 8.82 9.17
CA ARG A 140 16.09 10.24 8.88
C ARG A 140 15.55 11.13 10.00
N MET A 141 15.44 10.55 11.20
CA MET A 141 15.05 11.31 12.39
C MET A 141 16.09 11.16 13.47
N ARG A 142 16.13 12.14 14.36
CA ARG A 142 17.09 12.15 15.44
C ARG A 142 16.59 11.33 16.62
N GLU A 143 17.15 10.14 16.76
CA GLU A 143 17.01 9.36 17.98
C GLU A 143 15.56 9.07 18.38
N LEU A 144 14.72 8.73 17.41
CA LEU A 144 13.38 8.27 17.71
C LEU A 144 13.43 6.74 17.72
N THR A 145 13.86 6.20 18.84
CA THR A 145 14.01 4.76 19.00
CA THR A 145 14.01 4.76 19.02
C THR A 145 12.63 4.12 19.12
N TYR A 146 12.44 3.01 18.42
CA TYR A 146 11.17 2.31 18.44
C TYR A 146 10.94 1.79 19.85
N VAL A 147 9.67 1.68 20.23
CA VAL A 147 9.31 1.27 21.58
C VAL A 147 8.55 -0.04 21.57
N THR A 148 8.45 -0.67 22.73
CA THR A 148 7.64 -1.88 22.84
C THR A 148 6.17 -1.49 22.69
N PRO A 149 5.47 -2.11 21.74
CA PRO A 149 4.06 -1.83 21.57
C PRO A 149 3.20 -2.44 22.66
N LYS A 150 2.03 -1.86 22.88
CA LYS A 150 0.99 -2.52 23.65
C LYS A 150 0.28 -3.52 22.74
N ALA A 151 0.08 -4.74 23.23
CA ALA A 151 -0.71 -5.72 22.51
C ALA A 151 -2.16 -5.27 22.56
N VAL A 152 -2.75 -5.10 21.39
CA VAL A 152 -4.10 -4.55 21.30
C VAL A 152 -5.09 -5.48 21.95
N THR A 153 -6.10 -4.90 22.59
CA THR A 153 -7.19 -5.72 23.10
C THR A 153 -8.19 -5.91 21.98
N VAL A 154 -9.16 -6.79 22.21
CA VAL A 154 -10.21 -6.99 21.23
CA VAL A 154 -10.21 -6.98 21.23
C VAL A 154 -10.99 -5.68 21.01
N GLU A 155 -11.12 -4.88 22.07
CA GLU A 155 -11.80 -3.60 21.94
C GLU A 155 -10.98 -2.62 21.09
N ASP A 156 -9.65 -2.60 21.30
CA ASP A 156 -8.76 -1.83 20.42
C ASP A 156 -8.96 -2.26 18.97
N ILE A 157 -9.04 -3.57 18.74
CA ILE A 157 -9.18 -4.07 17.38
C ILE A 157 -10.49 -3.60 16.78
N GLN A 158 -11.57 -3.67 17.54
CA GLN A 158 -12.86 -3.21 17.02
C GLN A 158 -12.77 -1.73 16.63
N GLY A 159 -12.06 -0.93 17.43
CA GLY A 159 -11.90 0.49 17.14
C GLY A 159 -11.06 0.74 15.90
N LEU A 160 -10.05 -0.11 15.70
CA LEU A 160 -9.19 0.01 14.52
C LEU A 160 -9.97 -0.33 13.26
N VAL A 161 -10.75 -1.39 13.28
CA VAL A 161 -11.61 -1.73 12.13
C VAL A 161 -12.56 -0.57 11.85
N ARG A 162 -13.20 -0.06 12.89
CA ARG A 162 -14.07 1.11 12.77
C ARG A 162 -13.36 2.28 12.09
N ASP A 163 -12.12 2.51 12.49
CA ASP A 163 -11.40 3.67 11.98
C ASP A 163 -10.89 3.46 10.55
N TYR A 164 -10.57 2.20 10.18
CA TYR A 164 -10.28 1.91 8.76
C TYR A 164 -11.54 2.20 7.94
N ALA A 165 -12.69 1.78 8.46
CA ALA A 165 -13.96 1.98 7.75
C ALA A 165 -14.31 3.46 7.61
N LYS A 166 -14.08 4.21 8.67
CA LYS A 166 -14.34 5.65 8.65
CA LYS A 166 -14.36 5.65 8.64
C LYS A 166 -13.45 6.35 7.64
N ALA A 167 -12.17 6.01 7.65
CA ALA A 167 -11.24 6.56 6.68
C ALA A 167 -11.74 6.25 5.27
N ALA A 168 -12.23 5.03 5.04
CA ALA A 168 -12.73 4.66 3.70
C ALA A 168 -13.96 5.50 3.34
N GLU A 169 -14.83 5.78 4.30
CA GLU A 169 -15.98 6.67 4.08
CA GLU A 169 -15.97 6.64 4.00
C GLU A 169 -15.50 8.03 3.62
N ASN A 170 -14.43 8.51 4.27
CA ASN A 170 -13.89 9.83 4.02
C ASN A 170 -13.33 9.94 2.60
N VAL A 171 -12.99 8.79 2.02
CA VAL A 171 -12.39 8.77 0.68
C VAL A 171 -13.39 9.26 -0.36
N ILE A 172 -14.67 9.03 -0.10
CA ILE A 172 -15.73 9.50 -0.98
C ILE A 172 -15.73 11.02 -1.07
N GLU A 173 -15.71 11.69 0.08
CA GLU A 173 -15.68 13.15 0.13
C GLU A 173 -14.36 13.67 -0.45
N ALA A 174 -13.29 12.92 -0.24
CA ALA A 174 -11.98 13.32 -0.77
C ALA A 174 -11.88 13.08 -2.26
N GLY A 175 -12.86 12.40 -2.83
CA GLY A 175 -12.94 12.24 -4.28
C GLY A 175 -12.01 11.19 -4.87
N PHE A 176 -11.49 10.26 -4.08
CA PHE A 176 -10.71 9.18 -4.67
C PHE A 176 -11.60 8.23 -5.45
N ASP A 177 -11.02 7.46 -6.37
CA ASP A 177 -11.75 6.39 -7.04
C ASP A 177 -11.89 5.14 -6.19
N GLY A 178 -11.04 5.02 -5.17
CA GLY A 178 -11.07 3.85 -4.33
C GLY A 178 -9.93 3.86 -3.32
N VAL A 179 -9.77 2.72 -2.67
CA VAL A 179 -8.78 2.50 -1.61
C VAL A 179 -7.91 1.29 -1.93
N GLU A 180 -6.60 1.43 -1.74
CA GLU A 180 -5.75 0.27 -1.53
C GLU A 180 -5.47 0.13 -0.04
N ILE A 181 -5.85 -1.00 0.52
CA ILE A 181 -5.62 -1.22 1.94
C ILE A 181 -4.16 -1.60 2.12
N HIS A 182 -3.43 -0.90 2.98
CA HIS A 182 -2.01 -1.24 3.16
C HIS A 182 -1.86 -2.46 4.09
N GLY A 183 -1.86 -3.64 3.48
CA GLY A 183 -1.68 -4.89 4.21
C GLY A 183 -0.28 -5.47 4.10
N ALA A 184 0.67 -4.63 3.79
CA ALA A 184 1.99 -5.09 3.39
C ALA A 184 3.12 -4.48 4.24
N ASN A 185 4.35 -4.87 3.89
CA ASN A 185 5.59 -4.26 4.38
C ASN A 185 5.69 -4.10 5.88
N GLY A 186 5.09 -5.03 6.62
CA GLY A 186 5.31 -5.10 8.06
C GLY A 186 4.56 -4.07 8.88
N TYR A 187 3.59 -3.45 8.24
CA TYR A 187 2.74 -2.51 8.97
C TYR A 187 1.55 -3.24 9.64
N LEU A 188 0.59 -2.51 10.18
CA LEU A 188 -0.31 -3.12 11.17
C LEU A 188 -0.99 -4.39 10.68
N ILE A 189 -1.59 -4.35 9.49
CA ILE A 189 -2.32 -5.51 9.02
C ILE A 189 -1.34 -6.66 8.80
N ASP A 190 -0.19 -6.37 8.19
CA ASP A 190 0.82 -7.40 7.93
C ASP A 190 1.34 -7.97 9.27
N GLN A 191 1.34 -7.16 10.33
CA GLN A 191 1.78 -7.64 11.63
C GLN A 191 0.91 -8.77 12.16
N PHE A 192 -0.38 -8.75 11.86
CA PHE A 192 -1.24 -9.86 12.25
C PHE A 192 -0.97 -11.13 11.44
N LEU A 193 -0.48 -10.97 10.20
CA LEU A 193 -0.33 -12.08 9.27
C LEU A 193 0.97 -12.87 9.45
N HIS A 194 1.90 -12.35 10.24
CA HIS A 194 3.21 -12.98 10.42
C HIS A 194 3.50 -13.35 11.87
N HIS A 195 4.19 -14.47 12.06
CA HIS A 195 4.43 -14.99 13.39
C HIS A 195 5.40 -14.17 14.22
N ASP A 196 6.36 -13.49 13.57
CA ASP A 196 7.29 -12.67 14.33
C ASP A 196 6.54 -11.67 15.19
N SER A 197 5.57 -10.99 14.57
CA SER A 197 4.84 -9.90 15.21
C SER A 197 3.57 -10.36 15.91
N ASN A 198 2.99 -11.47 15.46
CA ASN A 198 1.75 -11.97 16.03
C ASN A 198 1.99 -13.24 16.83
N ARG A 199 2.08 -13.05 18.14
CA ARG A 199 2.25 -14.14 19.09
C ARG A 199 1.03 -14.29 19.98
N ARG A 200 -0.10 -13.82 19.47
CA ARG A 200 -1.35 -13.86 20.21
C ARG A 200 -1.87 -15.28 20.39
N THR A 201 -2.57 -15.48 21.50
CA THR A 201 -3.19 -16.77 21.82
C THR A 201 -4.71 -16.68 21.87
N ASP A 202 -5.27 -15.57 21.38
CA ASP A 202 -6.70 -15.44 21.27
C ASP A 202 -7.19 -15.70 19.84
N GLU A 203 -8.41 -15.27 19.54
CA GLU A 203 -8.99 -15.54 18.23
C GLU A 203 -8.34 -14.75 17.09
N TYR A 204 -7.38 -13.89 17.42
CA TYR A 204 -6.58 -13.19 16.39
C TYR A 204 -5.15 -13.76 16.23
N GLY A 205 -4.86 -14.89 16.87
CA GLY A 205 -3.53 -15.49 16.76
C GLY A 205 -3.53 -17.00 16.61
N GLY A 206 -2.35 -17.54 16.28
CA GLY A 206 -2.14 -18.98 16.33
C GLY A 206 -2.32 -19.67 14.99
N THR A 207 -3.55 -19.69 14.52
CA THR A 207 -3.91 -20.43 13.31
C THR A 207 -4.02 -19.48 12.12
N PRO A 208 -3.90 -20.03 10.90
CA PRO A 208 -4.07 -19.23 9.68
C PRO A 208 -5.41 -18.46 9.67
N VAL A 209 -6.49 -19.12 10.09
CA VAL A 209 -7.79 -18.47 10.14
C VAL A 209 -7.78 -17.28 11.10
N ASN A 210 -7.21 -17.48 12.28
CA ASN A 210 -7.17 -16.45 13.29
C ASN A 210 -6.26 -15.29 12.90
N MET A 211 -5.11 -15.62 12.33
CA MET A 211 -4.15 -14.61 11.95
C MET A 211 -4.65 -13.77 10.78
N SER A 212 -5.50 -14.36 9.93
CA SER A 212 -6.10 -13.66 8.78
C SER A 212 -7.34 -12.83 9.18
N ARG A 213 -7.85 -13.03 10.39
CA ARG A 213 -9.11 -12.45 10.81
C ARG A 213 -9.11 -10.91 10.75
N PHE A 214 -8.09 -10.27 11.31
CA PHE A 214 -8.02 -8.81 11.28
C PHE A 214 -8.01 -8.29 9.84
N ALA A 215 -7.16 -8.86 8.98
CA ALA A 215 -7.14 -8.42 7.59
C ALA A 215 -8.52 -8.53 6.92
N LEU A 216 -9.19 -9.66 7.10
CA LEU A 216 -10.49 -9.87 6.49
C LEU A 216 -11.58 -8.96 7.10
N GLU A 217 -11.49 -8.69 8.40
CA GLU A 217 -12.42 -7.75 9.03
C GLU A 217 -12.27 -6.36 8.44
N VAL A 218 -11.02 -5.90 8.27
CA VAL A 218 -10.78 -4.60 7.65
C VAL A 218 -11.25 -4.57 6.20
N VAL A 219 -10.90 -5.59 5.41
CA VAL A 219 -11.38 -5.66 4.03
C VAL A 219 -12.91 -5.59 3.98
N ASP A 220 -13.58 -6.40 4.79
CA ASP A 220 -15.04 -6.46 4.73
C ASP A 220 -15.67 -5.16 5.21
N ALA A 221 -15.10 -4.51 6.23
CA ALA A 221 -15.64 -3.25 6.72
C ALA A 221 -15.51 -2.18 5.65
N ILE A 222 -14.41 -2.20 4.92
CA ILE A 222 -14.17 -1.19 3.91
C ILE A 222 -15.08 -1.43 2.70
N ILE A 223 -15.21 -2.68 2.29
CA ILE A 223 -16.16 -3.03 1.23
C ILE A 223 -17.57 -2.53 1.60
N ALA A 224 -17.95 -2.68 2.86
CA ALA A 224 -19.28 -2.24 3.30
C ALA A 224 -19.48 -0.72 3.10
N ARG A 225 -18.38 0.04 3.10
CA ARG A 225 -18.49 1.49 2.93
C ARG A 225 -18.42 1.93 1.47
N ILE A 226 -17.51 1.36 0.69
CA ILE A 226 -17.22 1.86 -0.66
C ILE A 226 -17.38 0.83 -1.80
N GLY A 227 -17.64 -0.43 -1.45
CA GLY A 227 -17.85 -1.48 -2.44
C GLY A 227 -16.58 -2.20 -2.86
N HIS A 228 -16.75 -3.47 -3.21
CA HIS A 228 -15.64 -4.30 -3.64
C HIS A 228 -14.90 -3.78 -4.87
N ASP A 229 -15.60 -3.12 -5.79
CA ASP A 229 -14.96 -2.65 -7.03
C ASP A 229 -13.97 -1.52 -6.76
N ARG A 230 -14.10 -0.89 -5.61
CA ARG A 230 -13.28 0.26 -5.25
C ARG A 230 -12.27 -0.09 -4.16
N THR A 231 -12.09 -1.38 -3.90
CA THR A 231 -11.25 -1.83 -2.82
C THR A 231 -10.17 -2.79 -3.30
N GLY A 232 -8.91 -2.40 -3.11
CA GLY A 232 -7.79 -3.28 -3.38
C GLY A 232 -6.98 -3.51 -2.12
N LEU A 233 -6.05 -4.46 -2.18
CA LEU A 233 -5.26 -4.79 -0.99
C LEU A 233 -3.84 -5.10 -1.37
N ARG A 234 -2.88 -4.45 -0.69
CA ARG A 234 -1.46 -4.77 -0.85
C ARG A 234 -1.03 -5.76 0.20
N ILE A 235 -0.28 -6.78 -0.20
CA ILE A 235 0.18 -7.82 0.71
C ILE A 235 1.65 -8.12 0.49
N SER A 236 2.28 -8.65 1.55
CA SER A 236 3.67 -9.06 1.56
C SER A 236 3.70 -10.48 2.15
N PRO A 237 3.58 -11.50 1.29
CA PRO A 237 3.64 -12.87 1.85
C PRO A 237 4.99 -13.23 2.47
N GLY A 238 6.05 -12.62 1.95
CA GLY A 238 7.36 -12.74 2.55
C GLY A 238 7.56 -11.73 3.68
N ALA A 239 8.74 -11.77 4.29
CA ALA A 239 9.10 -10.87 5.38
C ALA A 239 10.16 -9.85 4.92
N TYR A 240 11.03 -9.45 5.84
CA TYR A 240 12.25 -8.67 5.55
C TYR A 240 12.08 -7.17 5.40
N PHE A 241 10.89 -6.65 5.72
CA PHE A 241 10.76 -5.22 6.00
C PHE A 241 10.14 -5.05 7.39
N ASN A 242 10.98 -4.68 8.35
CA ASN A 242 10.66 -4.67 9.78
C ASN A 242 9.89 -5.91 10.18
N MET A 243 10.33 -7.05 9.70
CA MET A 243 9.65 -8.30 9.97
C MET A 243 10.70 -9.41 9.87
N ALA A 244 10.87 -10.18 10.93
CA ALA A 244 11.71 -11.38 10.88
C ALA A 244 10.94 -12.49 10.18
N SER A 245 11.64 -13.33 9.42
CA SER A 245 10.96 -14.38 8.70
C SER A 245 10.56 -15.51 9.62
N ASP A 246 9.58 -16.28 9.18
CA ASP A 246 9.13 -17.46 9.91
C ASP A 246 8.61 -18.43 8.87
N SER A 247 9.11 -19.66 8.92
CA SER A 247 8.72 -20.68 7.95
C SER A 247 7.22 -21.02 7.99
N ARG A 248 6.54 -20.63 9.06
CA ARG A 248 5.11 -20.90 9.21
C ARG A 248 4.19 -19.85 8.57
N ASP A 249 4.76 -18.73 8.14
CA ASP A 249 3.93 -17.64 7.59
C ASP A 249 3.23 -18.00 6.29
N ARG A 250 3.86 -18.82 5.46
CA ARG A 250 3.31 -19.14 4.15
C ARG A 250 1.91 -19.77 4.26
N VAL A 251 1.70 -20.63 5.25
CA VAL A 251 0.38 -21.27 5.35
C VAL A 251 -0.71 -20.26 5.74
N VAL A 252 -0.31 -19.14 6.34
CA VAL A 252 -1.29 -18.07 6.60
C VAL A 252 -1.79 -17.52 5.27
N PHE A 253 -0.85 -17.24 4.38
CA PHE A 253 -1.21 -16.71 3.06
C PHE A 253 -1.91 -17.76 2.20
N ASP A 254 -1.59 -19.04 2.38
CA ASP A 254 -2.30 -20.08 1.64
C ASP A 254 -3.80 -20.05 1.97
N TYR A 255 -4.12 -19.72 3.21
CA TYR A 255 -5.50 -19.58 3.64
C TYR A 255 -6.09 -18.24 3.19
N LEU A 256 -5.34 -17.17 3.44
CA LEU A 256 -5.85 -15.81 3.19
C LEU A 256 -6.24 -15.60 1.72
N LEU A 257 -5.40 -16.07 0.79
CA LEU A 257 -5.61 -15.72 -0.61
C LEU A 257 -6.94 -16.21 -1.19
N PRO A 258 -7.29 -17.50 -0.97
CA PRO A 258 -8.62 -17.89 -1.46
C PRO A 258 -9.78 -17.17 -0.77
N GLU A 259 -9.61 -16.83 0.52
CA GLU A 259 -10.61 -16.02 1.21
C GLU A 259 -10.77 -14.64 0.56
N LEU A 260 -9.66 -14.02 0.20
CA LEU A 260 -9.71 -12.75 -0.50
C LEU A 260 -10.40 -12.87 -1.85
N GLU A 261 -10.18 -13.97 -2.57
CA GLU A 261 -10.79 -14.15 -3.88
C GLU A 261 -12.32 -14.08 -3.75
N LYS A 262 -12.84 -14.58 -2.63
CA LYS A 262 -14.28 -14.53 -2.41
C LYS A 262 -14.84 -13.12 -2.43
N ARG A 263 -14.00 -12.13 -2.07
CA ARG A 263 -14.44 -10.74 -1.99
C ARG A 263 -14.44 -10.01 -3.33
N ASP A 264 -13.89 -10.65 -4.36
CA ASP A 264 -13.88 -10.07 -5.69
C ASP A 264 -13.36 -8.62 -5.66
N LEU A 265 -12.16 -8.45 -5.12
CA LEU A 265 -11.53 -7.14 -5.00
C LEU A 265 -11.16 -6.57 -6.35
N ALA A 266 -10.95 -5.25 -6.38
CA ALA A 266 -10.46 -4.60 -7.58
C ALA A 266 -9.10 -5.18 -7.99
N PHE A 267 -8.24 -5.38 -7.00
CA PHE A 267 -6.96 -6.03 -7.23
C PHE A 267 -6.33 -6.43 -5.92
N VAL A 268 -5.43 -7.40 -6.02
CA VAL A 268 -4.41 -7.66 -5.01
C VAL A 268 -3.12 -7.17 -5.61
N HIS A 269 -2.29 -6.56 -4.78
CA HIS A 269 -1.04 -5.92 -5.20
C HIS A 269 0.04 -6.46 -4.28
N ILE A 270 1.14 -6.93 -4.85
CA ILE A 270 2.26 -7.40 -4.05
CA ILE A 270 2.26 -7.40 -4.05
C ILE A 270 3.10 -6.21 -3.61
N GLY A 271 3.62 -6.29 -2.38
CA GLY A 271 4.44 -5.22 -1.85
C GLY A 271 5.84 -5.71 -1.61
N ILE A 272 6.70 -5.57 -2.61
CA ILE A 272 8.10 -5.96 -2.50
C ILE A 272 8.96 -4.96 -3.28
N PHE A 273 10.28 -5.11 -3.19
CA PHE A 273 11.17 -4.18 -3.84
C PHE A 273 11.86 -4.76 -5.06
N ASP A 274 12.05 -6.09 -5.11
CA ASP A 274 12.66 -6.72 -6.27
C ASP A 274 12.04 -8.10 -6.47
N ASP A 275 11.17 -8.21 -7.46
CA ASP A 275 10.43 -9.43 -7.69
C ASP A 275 11.27 -10.49 -8.37
N SER A 276 12.54 -10.19 -8.67
CA SER A 276 13.44 -11.20 -9.22
C SER A 276 14.00 -12.09 -8.11
N ILE A 277 13.80 -11.71 -6.86
CA ILE A 277 14.28 -12.48 -5.72
C ILE A 277 13.36 -13.68 -5.47
N GLU A 278 13.96 -14.85 -5.29
CA GLU A 278 13.20 -16.04 -4.91
C GLU A 278 13.18 -16.22 -3.39
N PHE A 279 11.98 -16.31 -2.81
CA PHE A 279 11.82 -16.50 -1.36
C PHE A 279 11.74 -17.98 -1.06
N ASP A 280 12.58 -18.47 -0.15
CA ASP A 280 12.60 -19.89 0.20
C ASP A 280 11.22 -20.43 0.59
N TYR A 281 10.57 -19.72 1.49
CA TYR A 281 9.32 -20.19 2.07
C TYR A 281 8.13 -20.10 1.10
N LEU A 282 8.25 -19.31 0.06
CA LEU A 282 7.19 -19.19 -0.94
C LEU A 282 7.44 -20.09 -2.15
N GLY A 283 8.59 -20.75 -2.15
CA GLY A 283 8.94 -21.64 -3.23
C GLY A 283 9.28 -20.93 -4.53
N GLY A 284 9.75 -19.70 -4.43
CA GLY A 284 9.98 -18.90 -5.61
C GLY A 284 9.70 -17.41 -5.39
N THR A 285 9.46 -16.71 -6.49
CA THR A 285 9.21 -15.27 -6.42
C THR A 285 7.86 -15.02 -5.78
N ALA A 286 7.71 -13.83 -5.21
CA ALA A 286 6.47 -13.43 -4.56
C ALA A 286 5.31 -13.44 -5.54
N SER A 287 5.51 -12.89 -6.73
CA SER A 287 4.42 -12.83 -7.69
C SER A 287 3.99 -14.24 -8.13
N SER A 288 4.97 -15.13 -8.34
CA SER A 288 4.60 -16.46 -8.81
C SER A 288 3.84 -17.20 -7.71
N TYR A 289 4.21 -16.96 -6.45
CA TYR A 289 3.47 -17.58 -5.35
C TYR A 289 2.03 -17.08 -5.33
N VAL A 290 1.83 -15.78 -5.43
CA VAL A 290 0.48 -15.24 -5.34
C VAL A 290 -0.33 -15.70 -6.53
N ARG A 291 0.28 -15.69 -7.71
CA ARG A 291 -0.40 -16.08 -8.95
C ARG A 291 -0.88 -17.52 -8.87
N ALA A 292 -0.14 -18.35 -8.13
CA ALA A 292 -0.46 -19.78 -7.99
C ALA A 292 -1.60 -20.02 -7.01
N HIS A 293 -1.90 -19.03 -6.19
CA HIS A 293 -2.86 -19.16 -5.10
C HIS A 293 -4.02 -18.18 -5.19
N TYR A 294 -4.06 -17.38 -6.25
CA TYR A 294 -5.04 -16.31 -6.38
C TYR A 294 -5.30 -16.09 -7.85
N GLY A 295 -6.57 -16.15 -8.23
CA GLY A 295 -6.92 -16.18 -9.64
C GLY A 295 -7.61 -14.94 -10.18
N LYS A 296 -7.50 -13.82 -9.49
CA LYS A 296 -8.08 -12.56 -9.96
CA LYS A 296 -8.07 -12.58 -9.99
C LYS A 296 -6.98 -11.52 -10.21
N THR A 297 -7.39 -10.31 -10.59
CA THR A 297 -6.42 -9.29 -10.99
C THR A 297 -5.30 -9.11 -9.99
N LEU A 298 -4.07 -9.12 -10.50
CA LEU A 298 -2.87 -9.08 -9.68
C LEU A 298 -1.94 -8.00 -10.20
N VAL A 299 -1.48 -7.15 -9.28
CA VAL A 299 -0.52 -6.10 -9.60
C VAL A 299 0.86 -6.56 -9.16
N GLY A 300 1.76 -6.69 -10.13
CA GLY A 300 3.17 -6.99 -9.86
C GLY A 300 3.95 -5.70 -9.65
N VAL A 301 5.11 -5.82 -9.00
CA VAL A 301 5.97 -4.67 -8.71
C VAL A 301 7.35 -5.19 -8.31
N GLY A 302 8.34 -4.33 -8.39
CA GLY A 302 9.63 -4.60 -7.77
C GLY A 302 10.72 -4.77 -8.78
N SER A 303 11.37 -3.65 -9.10
CA SER A 303 12.55 -3.62 -9.96
C SER A 303 12.27 -4.01 -11.41
N TYR A 304 11.02 -3.85 -11.84
CA TYR A 304 10.69 -4.09 -13.23
C TYR A 304 11.01 -2.89 -14.10
N SER A 305 11.57 -3.19 -15.27
CA SER A 305 11.57 -2.22 -16.36
C SER A 305 10.28 -2.37 -17.14
N ALA A 306 9.97 -1.40 -17.99
CA ALA A 306 8.79 -1.55 -18.83
C ALA A 306 8.92 -2.83 -19.64
N GLU A 307 10.12 -3.08 -20.15
CA GLU A 307 10.35 -4.28 -20.96
C GLU A 307 10.09 -5.60 -20.18
N THR A 308 10.63 -5.74 -18.98
CA THR A 308 10.43 -6.99 -18.24
C THR A 308 8.98 -7.13 -17.72
N ALA A 309 8.35 -6.01 -17.36
CA ALA A 309 6.94 -6.01 -16.97
C ALA A 309 6.04 -6.48 -18.11
N SER A 310 6.30 -5.94 -19.30
CA SER A 310 5.55 -6.29 -20.48
C SER A 310 5.64 -7.80 -20.73
N LYS A 311 6.85 -8.34 -20.62
CA LYS A 311 7.06 -9.77 -20.88
C LYS A 311 6.35 -10.61 -19.81
N ALA A 312 6.47 -10.18 -18.56
CA ALA A 312 5.80 -10.87 -17.46
C ALA A 312 4.29 -10.92 -17.68
N ILE A 313 3.71 -9.78 -18.06
CA ILE A 313 2.27 -9.70 -18.30
C ILE A 313 1.90 -10.58 -19.51
N ALA A 314 2.69 -10.52 -20.58
CA ALA A 314 2.44 -11.38 -21.74
C ALA A 314 2.48 -12.86 -21.35
N GLU A 315 3.32 -13.20 -20.38
CA GLU A 315 3.43 -14.57 -19.86
C GLU A 315 2.44 -14.92 -18.74
N ASP A 316 1.46 -14.04 -18.47
CA ASP A 316 0.39 -14.33 -17.53
C ASP A 316 0.85 -14.43 -16.08
N LYS A 317 1.96 -13.76 -15.76
CA LYS A 317 2.51 -13.81 -14.41
CA LYS A 317 2.54 -13.76 -14.42
C LYS A 317 1.75 -12.87 -13.47
N PHE A 318 1.23 -11.79 -14.05
CA PHE A 318 0.35 -10.85 -13.36
C PHE A 318 -0.29 -9.96 -14.42
N ASP A 319 -1.16 -9.05 -14.01
CA ASP A 319 -2.01 -8.31 -14.95
C ASP A 319 -1.68 -6.84 -15.12
N LEU A 320 -1.23 -6.21 -14.02
CA LEU A 320 -0.93 -4.79 -14.01
C LEU A 320 0.44 -4.62 -13.43
N ILE A 321 1.12 -3.55 -13.83
CA ILE A 321 2.46 -3.28 -13.31
C ILE A 321 2.51 -1.97 -12.57
N ALA A 322 2.91 -2.05 -11.31
CA ALA A 322 3.20 -0.86 -10.51
C ALA A 322 4.65 -0.50 -10.64
N ILE A 323 4.90 0.79 -10.80
CA ILE A 323 6.24 1.33 -11.01
C ILE A 323 6.46 2.37 -9.91
N GLY A 324 7.53 2.22 -9.14
CA GLY A 324 7.78 3.12 -8.03
C GLY A 324 8.91 4.10 -8.29
N ARG A 325 10.14 3.66 -8.01
CA ARG A 325 11.30 4.53 -8.10
C ARG A 325 11.42 5.22 -9.48
N PRO A 326 11.18 4.50 -10.59
CA PRO A 326 11.25 5.23 -11.87
C PRO A 326 10.23 6.36 -11.99
N PHE A 327 9.11 6.28 -11.29
CA PHE A 327 8.10 7.34 -11.34
C PHE A 327 8.54 8.56 -10.53
N ILE A 328 9.45 8.36 -9.58
CA ILE A 328 10.03 9.49 -8.86
C ILE A 328 11.05 10.20 -9.77
N ALA A 329 11.93 9.41 -10.38
CA ALA A 329 12.97 9.92 -11.29
C ALA A 329 12.39 10.51 -12.59
N ASN A 330 11.21 10.04 -12.98
CA ASN A 330 10.61 10.41 -14.27
C ASN A 330 9.10 10.67 -14.11
N PRO A 331 8.72 11.92 -13.83
CA PRO A 331 7.29 12.24 -13.74
C PRO A 331 6.59 11.88 -15.06
N ASP A 332 7.32 11.99 -16.15
CA ASP A 332 6.80 11.68 -17.47
C ASP A 332 7.09 10.24 -17.88
N TYR A 333 7.23 9.36 -16.89
CA TYR A 333 7.46 7.94 -17.12
C TYR A 333 6.62 7.37 -18.26
N VAL A 334 5.29 7.59 -18.22
CA VAL A 334 4.42 6.88 -19.16
C VAL A 334 4.69 7.34 -20.61
N ALA A 335 4.84 8.64 -20.79
CA ALA A 335 5.13 9.20 -22.11
C ALA A 335 6.48 8.74 -22.63
N LYS A 336 7.47 8.66 -21.75
CA LYS A 336 8.79 8.21 -22.17
CA LYS A 336 8.80 8.21 -22.14
C LYS A 336 8.74 6.75 -22.61
N VAL A 337 8.03 5.92 -21.86
CA VAL A 337 7.90 4.53 -22.24
C VAL A 337 7.14 4.43 -23.57
N ARG A 338 6.08 5.22 -23.70
CA ARG A 338 5.27 5.22 -24.91
C ARG A 338 6.10 5.60 -26.14
N ASN A 339 7.05 6.51 -25.95
CA ASN A 339 7.88 7.00 -27.04
C ASN A 339 9.26 6.36 -27.10
N SER A 340 9.45 5.29 -26.34
CA SER A 340 10.70 4.54 -26.35
C SER A 340 11.89 5.44 -26.06
N GLU A 341 11.73 6.35 -25.10
CA GLU A 341 12.77 7.29 -24.74
C GLU A 341 13.53 6.88 -23.47
N GLU A 342 14.75 7.42 -23.32
CA GLU A 342 15.61 7.09 -22.19
C GLU A 342 15.02 7.57 -20.86
N LEU A 343 15.03 6.66 -19.88
CA LEU A 343 14.58 6.99 -18.53
C LEU A 343 15.77 7.30 -17.63
N VAL A 344 15.63 8.34 -16.82
CA VAL A 344 16.61 8.66 -15.79
C VAL A 344 16.55 7.60 -14.68
N ALA A 345 17.71 7.13 -14.24
CA ALA A 345 17.77 6.23 -13.09
C ALA A 345 17.47 6.94 -11.77
N TYR A 346 16.74 6.25 -10.90
CA TYR A 346 16.43 6.75 -9.58
C TYR A 346 17.64 6.73 -8.65
N SER A 347 17.72 7.74 -7.80
CA SER A 347 18.65 7.74 -6.67
CA SER A 347 18.65 7.76 -6.67
C SER A 347 17.94 8.36 -5.48
N ASP A 348 18.32 7.94 -4.27
CA ASP A 348 17.69 8.46 -3.05
C ASP A 348 17.81 9.97 -2.88
N GLU A 349 18.82 10.59 -3.48
CA GLU A 349 18.96 12.03 -3.46
CA GLU A 349 18.97 12.03 -3.45
C GLU A 349 17.70 12.73 -3.99
N MET A 350 16.98 12.04 -4.87
CA MET A 350 15.77 12.61 -5.46
C MET A 350 14.63 12.79 -4.47
N LEU A 351 14.69 12.10 -3.33
CA LEU A 351 13.65 12.19 -2.33
C LEU A 351 13.57 13.58 -1.70
N ALA A 352 14.64 14.35 -1.77
CA ALA A 352 14.63 15.70 -1.19
C ALA A 352 13.77 16.71 -1.95
N SER A 353 13.34 16.35 -3.15
CA SER A 353 12.58 17.24 -4.01
CA SER A 353 12.61 17.22 -4.05
C SER A 353 11.27 16.58 -4.43
N LEU A 354 10.19 17.35 -4.36
CA LEU A 354 8.88 16.82 -4.73
C LEU A 354 8.52 17.39 -6.09
N ILE A 355 8.83 16.61 -7.13
CA ILE A 355 8.56 16.99 -8.50
C ILE A 355 7.93 15.79 -9.18
#